data_9DW2
#
_entry.id   9DW2
#
_cell.length_a   25.970
_cell.length_b   47.126
_cell.length_c   46.489
_cell.angle_alpha   90.00
_cell.angle_beta   102.92
_cell.angle_gamma   90.00
#
_symmetry.space_group_name_H-M   'P 1 21 1'
#
loop_
_entity.id
_entity.type
_entity.pdbx_description
1 polymer 'De novo designed ABLE protein'
2 water water
#
_entity_poly.entity_id   1
_entity_poly.type   'polypeptide(L)'
_entity_poly.pdbx_seq_one_letter_code
;SVKSEYAEAAAVGQEAVAVFNTMKAAFQNGDKEAVAQYLARLASLYTRHEELLNRILEKARREGNKEAVTLMNEFTATFQ
TGKSIFNAMVAAFKNGDDDSFESYLQALEKVTAKGETLADQIAKAL
;
_entity_poly.pdbx_strand_id   A
#
# COMPACT_ATOMS: atom_id res chain seq x y z
N SER A 1 21.16 -2.49 -6.95
CA SER A 1 20.79 -3.92 -6.81
C SER A 1 19.28 -4.06 -6.59
N VAL A 2 18.77 -5.29 -6.76
CA VAL A 2 17.36 -5.54 -6.47
C VAL A 2 17.08 -5.26 -5.01
N LYS A 3 18.07 -5.50 -4.13
CA LYS A 3 17.86 -5.26 -2.71
C LYS A 3 17.69 -3.78 -2.41
N SER A 4 18.50 -2.91 -3.03
CA SER A 4 18.36 -1.48 -2.82
C SER A 4 17.08 -0.94 -3.46
N GLU A 5 16.67 -1.52 -4.59
CA GLU A 5 15.38 -1.20 -5.17
C GLU A 5 14.25 -1.57 -4.23
N TYR A 6 14.39 -2.65 -3.45
CA TYR A 6 13.35 -3.01 -2.51
C TYR A 6 13.31 -2.01 -1.35
N ALA A 7 14.46 -1.54 -0.89
CA ALA A 7 14.49 -0.55 0.18
C ALA A 7 13.85 0.77 -0.25
N GLU A 8 14.06 1.18 -1.50
CA GLU A 8 13.38 2.33 -2.07
C GLU A 8 11.88 2.10 -2.11
N ALA A 9 11.46 0.91 -2.52
CA ALA A 9 10.05 0.57 -2.52
C ALA A 9 9.49 0.60 -1.10
N ALA A 10 10.25 0.08 -0.14
CA ALA A 10 9.77 0.06 1.24
C ALA A 10 9.60 1.49 1.78
N ALA A 11 10.47 2.40 1.38
CA ALA A 11 10.33 3.79 1.81
C ALA A 11 9.06 4.40 1.24
N VAL A 12 8.77 4.18 -0.04
CA VAL A 12 7.52 4.65 -0.61
C VAL A 12 6.32 4.10 0.16
N GLY A 13 6.36 2.80 0.51
CA GLY A 13 5.31 2.22 1.32
C GLY A 13 5.15 2.93 2.65
N GLN A 14 6.27 3.27 3.30
CA GLN A 14 6.21 3.96 4.58
C GLN A 14 5.69 5.38 4.44
N GLU A 15 5.94 6.02 3.30
CA GLU A 15 5.36 7.34 3.04
C GLU A 15 3.83 7.25 2.98
N ALA A 16 3.31 6.20 2.33
CA ALA A 16 1.87 5.99 2.31
C ALA A 16 1.33 5.73 3.70
N VAL A 17 2.04 4.99 4.54
CA VAL A 17 1.58 4.81 5.92
C VAL A 17 1.46 6.16 6.60
N ALA A 18 2.47 7.02 6.44
CA ALA A 18 2.43 8.31 7.11
C ALA A 18 1.25 9.14 6.62
N VAL A 19 1.10 9.25 5.31
CA VAL A 19 -0.01 10.01 4.75
C VAL A 19 -1.35 9.40 5.13
N PHE A 20 -1.47 8.08 5.14
CA PHE A 20 -2.70 7.41 5.57
C PHE A 20 -3.08 7.81 7.00
N ASN A 21 -2.11 7.83 7.90
CA ASN A 21 -2.42 8.18 9.29
C ASN A 21 -2.86 9.63 9.41
N THR A 22 -2.25 10.56 8.66
N THR A 22 -2.22 10.53 8.69
CA THR A 22 -2.74 11.95 8.72
CA THR A 22 -2.67 11.91 8.65
C THR A 22 -4.11 12.09 8.05
C THR A 22 -4.10 12.00 8.12
N MET A 23 -4.37 11.27 7.03
CA MET A 23 -5.70 11.26 6.43
C MET A 23 -6.76 10.74 7.39
N LYS A 24 -6.43 9.70 8.16
CA LYS A 24 -7.38 9.17 9.13
C LYS A 24 -7.73 10.23 10.17
N ALA A 25 -6.75 10.98 10.66
CA ALA A 25 -7.03 12.07 11.59
C ALA A 25 -7.93 13.12 10.95
N ALA A 26 -7.66 13.50 9.72
CA ALA A 26 -8.47 14.50 9.03
C ALA A 26 -9.89 14.01 8.85
N PHE A 27 -10.07 12.75 8.48
CA PHE A 27 -11.40 12.18 8.35
C PHE A 27 -12.13 12.26 9.68
N GLN A 28 -11.50 11.81 10.76
CA GLN A 28 -12.13 11.89 12.07
C GLN A 28 -12.55 13.32 12.38
N ASN A 29 -11.71 14.30 12.05
CA ASN A 29 -11.99 15.70 12.35
C ASN A 29 -12.99 16.33 11.40
N GLY A 30 -13.41 15.64 10.35
CA GLY A 30 -14.32 16.18 9.37
C GLY A 30 -13.74 17.18 8.39
N ASP A 31 -12.42 17.18 8.20
CA ASP A 31 -11.71 18.11 7.32
C ASP A 31 -11.67 17.45 5.93
N LYS A 32 -12.80 17.54 5.22
CA LYS A 32 -12.95 16.79 3.98
C LYS A 32 -12.05 17.31 2.88
N GLU A 33 -11.75 18.61 2.89
CA GLU A 33 -10.82 19.15 1.90
C GLU A 33 -9.45 18.53 2.04
N ALA A 34 -9.00 18.33 3.29
CA ALA A 34 -7.72 17.68 3.53
C ALA A 34 -7.79 16.23 3.11
N VAL A 35 -8.86 15.52 3.49
CA VAL A 35 -9.00 14.12 3.09
C VAL A 35 -8.90 13.99 1.60
N ALA A 36 -9.56 14.85 0.83
CA ALA A 36 -9.52 14.72 -0.62
C ALA A 36 -8.08 14.80 -1.13
N GLN A 37 -7.29 15.73 -0.60
CA GLN A 37 -5.91 15.88 -1.03
C GLN A 37 -5.08 14.67 -0.63
N TYR A 38 -5.21 14.21 0.61
CA TYR A 38 -4.49 13.02 1.03
C TYR A 38 -4.84 11.79 0.21
N LEU A 39 -6.10 11.63 -0.18
CA LEU A 39 -6.49 10.49 -1.00
C LEU A 39 -5.85 10.58 -2.37
N ALA A 40 -5.74 11.77 -2.95
CA ALA A 40 -5.02 11.90 -4.22
C ALA A 40 -3.54 11.58 -4.05
N ARG A 41 -2.95 12.03 -2.94
CA ARG A 41 -1.54 11.73 -2.65
C ARG A 41 -1.32 10.22 -2.49
N LEU A 42 -2.19 9.57 -1.72
CA LEU A 42 -2.12 8.13 -1.55
C LEU A 42 -2.30 7.37 -2.85
N ALA A 43 -3.20 7.80 -3.74
CA ALA A 43 -3.34 7.08 -5.01
C ALA A 43 -2.03 7.12 -5.78
N SER A 44 -1.34 8.26 -5.79
N SER A 44 -1.34 8.25 -5.77
CA SER A 44 -0.08 8.36 -6.49
CA SER A 44 -0.08 8.37 -6.48
C SER A 44 0.98 7.49 -5.84
C SER A 44 0.99 7.52 -5.83
N LEU A 45 1.02 7.47 -4.50
CA LEU A 45 1.98 6.66 -3.79
C LEU A 45 1.73 5.17 -4.02
N TYR A 46 0.48 4.71 -3.94
CA TYR A 46 0.20 3.30 -4.20
C TYR A 46 0.51 2.93 -5.64
N THR A 47 0.25 3.82 -6.61
CA THR A 47 0.62 3.52 -7.99
C THR A 47 2.12 3.33 -8.14
N ARG A 48 2.90 4.24 -7.55
CA ARG A 48 4.36 4.11 -7.61
C ARG A 48 4.83 2.86 -6.92
N HIS A 49 4.28 2.56 -5.75
CA HIS A 49 4.71 1.37 -5.01
C HIS A 49 4.42 0.11 -5.81
N GLU A 50 3.23 0.00 -6.39
CA GLU A 50 2.88 -1.16 -7.21
C GLU A 50 3.86 -1.36 -8.36
N GLU A 51 4.24 -0.27 -9.04
CA GLU A 51 5.18 -0.36 -10.15
C GLU A 51 6.55 -0.83 -9.69
N LEU A 52 7.05 -0.33 -8.56
CA LEU A 52 8.35 -0.76 -8.07
C LEU A 52 8.33 -2.22 -7.64
N LEU A 53 7.23 -2.66 -7.04
CA LEU A 53 7.13 -4.06 -6.64
C LEU A 53 7.10 -4.96 -7.87
N ASN A 54 6.43 -4.53 -8.95
CA ASN A 54 6.39 -5.38 -10.14
C ASN A 54 7.77 -5.49 -10.76
N ARG A 55 8.55 -4.40 -10.78
CA ARG A 55 9.90 -4.47 -11.30
C ARG A 55 10.77 -5.38 -10.46
N ILE A 56 10.62 -5.36 -9.16
CA ILE A 56 11.36 -6.22 -8.25
C ILE A 56 11.03 -7.68 -8.50
N LEU A 57 9.74 -8.01 -8.60
CA LEU A 57 9.32 -9.37 -8.89
C LEU A 57 9.89 -9.85 -10.23
N GLU A 58 9.72 -9.04 -11.28
CA GLU A 58 10.30 -9.40 -12.59
C GLU A 58 11.79 -9.64 -12.53
N LYS A 59 12.53 -8.79 -11.80
CA LYS A 59 13.98 -8.97 -11.68
C LYS A 59 14.32 -10.26 -10.95
N ALA A 60 13.62 -10.55 -9.86
CA ALA A 60 13.86 -11.78 -9.14
C ALA A 60 13.58 -12.99 -10.02
N ARG A 61 12.57 -12.90 -10.89
CA ARG A 61 12.30 -13.99 -11.82
C ARG A 61 13.45 -14.15 -12.80
N ARG A 62 13.95 -13.04 -13.36
CA ARG A 62 15.05 -13.14 -14.31
C ARG A 62 16.30 -13.67 -13.63
N GLU A 63 16.51 -13.39 -12.35
CA GLU A 63 17.64 -13.86 -11.57
C GLU A 63 17.50 -15.30 -11.14
N GLY A 64 16.33 -15.91 -11.32
CA GLY A 64 16.10 -17.28 -10.86
C GLY A 64 16.00 -17.43 -9.36
N ASN A 65 15.67 -16.36 -8.65
CA ASN A 65 15.64 -16.36 -7.18
C ASN A 65 14.26 -16.88 -6.75
N LYS A 66 14.13 -18.21 -6.73
CA LYS A 66 12.82 -18.84 -6.60
C LYS A 66 12.16 -18.45 -5.30
N GLU A 67 12.92 -18.40 -4.21
CA GLU A 67 12.29 -18.08 -2.94
C GLU A 67 11.80 -16.64 -2.92
N ALA A 68 12.59 -15.70 -3.45
CA ALA A 68 12.12 -14.33 -3.49
C ALA A 68 10.89 -14.19 -4.39
N VAL A 69 10.84 -14.95 -5.48
CA VAL A 69 9.68 -14.94 -6.38
C VAL A 69 8.43 -15.41 -5.65
N THR A 70 8.54 -16.50 -4.89
CA THR A 70 7.37 -17.01 -4.15
C THR A 70 6.86 -15.95 -3.18
N LEU A 71 7.76 -15.36 -2.41
CA LEU A 71 7.34 -14.36 -1.43
C LEU A 71 6.77 -13.14 -2.11
N MET A 72 7.37 -12.68 -3.20
CA MET A 72 6.87 -11.52 -3.92
C MET A 72 5.51 -11.80 -4.58
N ASN A 73 5.32 -13.01 -5.11
CA ASN A 73 3.99 -13.36 -5.61
C ASN A 73 2.94 -13.29 -4.52
N GLU A 74 3.25 -13.79 -3.33
CA GLU A 74 2.29 -13.67 -2.22
C GLU A 74 2.08 -12.20 -1.85
N PHE A 75 3.16 -11.43 -1.75
CA PHE A 75 3.07 -10.06 -1.28
C PHE A 75 2.33 -9.20 -2.28
N THR A 76 2.56 -9.37 -3.56
CA THR A 76 1.85 -8.58 -4.56
C THR A 76 0.37 -8.93 -4.60
N ALA A 77 0.01 -10.19 -4.35
CA ALA A 77 -1.41 -10.54 -4.24
C ALA A 77 -2.06 -9.78 -3.09
N THR A 78 -1.40 -9.75 -1.94
CA THR A 78 -1.91 -8.99 -0.78
C THR A 78 -1.97 -7.49 -1.09
N PHE A 79 -0.98 -6.95 -1.79
CA PHE A 79 -1.03 -5.56 -2.21
C PHE A 79 -2.32 -5.26 -2.96
N GLN A 80 -2.77 -6.17 -3.83
CA GLN A 80 -3.97 -5.93 -4.61
C GLN A 80 -5.22 -5.97 -3.74
N THR A 81 -5.22 -6.74 -2.65
CA THR A 81 -6.33 -6.68 -1.70
C THR A 81 -6.39 -5.29 -1.10
N GLY A 82 -5.25 -4.78 -0.67
CA GLY A 82 -5.21 -3.43 -0.11
C GLY A 82 -5.68 -2.40 -1.11
N LYS A 83 -5.25 -2.53 -2.36
CA LYS A 83 -5.61 -1.59 -3.40
C LYS A 83 -7.11 -1.60 -3.67
N SER A 84 -7.72 -2.78 -3.69
CA SER A 84 -9.16 -2.89 -3.89
C SER A 84 -9.89 -2.21 -2.74
N ILE A 85 -9.46 -2.44 -1.51
CA ILE A 85 -10.08 -1.76 -0.37
C ILE A 85 -9.88 -0.26 -0.45
N PHE A 86 -8.67 0.19 -0.80
CA PHE A 86 -8.41 1.62 -0.95
C PHE A 86 -9.35 2.24 -1.99
N ASN A 87 -9.50 1.61 -3.13
CA ASN A 87 -10.36 2.15 -4.16
C ASN A 87 -11.80 2.23 -3.68
N ALA A 88 -12.24 1.22 -2.90
CA ALA A 88 -13.59 1.28 -2.35
C ALA A 88 -13.71 2.42 -1.34
N MET A 89 -12.66 2.68 -0.59
CA MET A 89 -12.67 3.79 0.37
C MET A 89 -12.82 5.12 -0.36
N VAL A 90 -12.08 5.30 -1.45
CA VAL A 90 -12.18 6.49 -2.30
C VAL A 90 -13.60 6.66 -2.81
N ALA A 91 -14.23 5.60 -3.27
CA ALA A 91 -15.60 5.67 -3.74
C ALA A 91 -16.55 6.05 -2.61
N ALA A 92 -16.32 5.51 -1.41
CA ALA A 92 -17.19 5.84 -0.29
C ALA A 92 -17.05 7.31 0.06
N PHE A 93 -15.86 7.88 -0.09
CA PHE A 93 -15.68 9.30 0.18
C PHE A 93 -16.40 10.13 -0.85
N LYS A 94 -16.31 9.79 -2.12
CA LYS A 94 -17.03 10.48 -3.17
C LYS A 94 -18.53 10.44 -2.92
N ASN A 95 -19.04 9.30 -2.47
CA ASN A 95 -20.48 9.11 -2.26
C ASN A 95 -20.99 9.66 -0.93
N GLY A 96 -20.12 10.13 -0.04
CA GLY A 96 -20.54 10.59 1.27
C GLY A 96 -20.94 9.50 2.24
N ASP A 97 -20.46 8.28 2.07
CA ASP A 97 -20.82 7.16 2.93
C ASP A 97 -19.72 7.00 3.99
N ASP A 98 -19.86 7.74 5.09
CA ASP A 98 -18.87 7.67 6.17
C ASP A 98 -18.84 6.31 6.85
N ASP A 99 -19.98 5.59 6.91
CA ASP A 99 -19.99 4.27 7.52
C ASP A 99 -19.11 3.31 6.71
N SER A 100 -19.26 3.32 5.40
CA SER A 100 -18.39 2.50 4.58
C SER A 100 -16.95 2.99 4.63
N PHE A 101 -16.73 4.30 4.63
CA PHE A 101 -15.36 4.81 4.68
C PHE A 101 -14.63 4.30 5.92
N GLU A 102 -15.29 4.37 7.08
CA GLU A 102 -14.73 3.82 8.30
C GLU A 102 -14.43 2.33 8.17
N SER A 103 -15.37 1.55 7.63
CA SER A 103 -15.18 0.11 7.50
C SER A 103 -13.96 -0.20 6.64
N TYR A 104 -13.91 0.38 5.45
CA TYR A 104 -12.78 0.14 4.56
C TYR A 104 -11.46 0.60 5.18
N LEU A 105 -11.47 1.71 5.92
CA LEU A 105 -10.26 2.24 6.54
C LEU A 105 -9.65 1.24 7.52
N GLN A 106 -10.49 0.65 8.38
CA GLN A 106 -10.02 -0.33 9.35
C GLN A 106 -9.52 -1.59 8.66
N ALA A 107 -10.18 -1.99 7.57
CA ALA A 107 -9.76 -3.19 6.85
C ALA A 107 -8.43 -2.97 6.16
N LEU A 108 -8.20 -1.78 5.62
CA LEU A 108 -6.92 -1.47 5.00
C LEU A 108 -5.82 -1.49 6.05
N GLU A 109 -6.11 -1.04 7.27
CA GLU A 109 -5.14 -1.13 8.36
C GLU A 109 -4.80 -2.57 8.70
N LYS A 110 -5.80 -3.44 8.80
CA LYS A 110 -5.55 -4.82 9.18
C LYS A 110 -4.83 -5.57 8.07
N VAL A 111 -5.22 -5.33 6.82
CA VAL A 111 -4.54 -5.95 5.70
C VAL A 111 -3.07 -5.54 5.67
N THR A 112 -2.78 -4.27 5.93
CA THR A 112 -1.42 -3.76 5.91
C THR A 112 -0.60 -4.35 7.05
N ALA A 113 -1.16 -4.40 8.25
CA ALA A 113 -0.43 -4.94 9.39
C ALA A 113 -0.14 -6.42 9.19
N LYS A 114 -1.12 -7.19 8.71
CA LYS A 114 -0.88 -8.60 8.46
C LYS A 114 0.29 -8.81 7.52
N GLY A 115 0.41 -7.96 6.50
CA GLY A 115 1.39 -8.11 5.45
C GLY A 115 2.81 -7.72 5.79
N GLU A 116 3.13 -7.47 7.05
CA GLU A 116 4.43 -6.89 7.37
C GLU A 116 5.50 -7.93 7.68
N THR A 117 5.15 -9.06 8.31
CA THR A 117 6.13 -10.13 8.46
C THR A 117 6.69 -10.54 7.09
N LEU A 118 5.81 -10.69 6.10
CA LEU A 118 6.22 -11.03 4.74
C LEU A 118 7.09 -9.93 4.13
N ALA A 119 6.75 -8.67 4.36
CA ALA A 119 7.57 -7.58 3.82
C ALA A 119 9.01 -7.68 4.30
N ASP A 120 9.20 -7.98 5.58
CA ASP A 120 10.55 -8.13 6.10
C ASP A 120 11.23 -9.38 5.54
N GLN A 121 10.46 -10.47 5.36
CA GLN A 121 11.05 -11.67 4.76
C GLN A 121 11.61 -11.37 3.38
N ILE A 122 10.92 -10.53 2.61
CA ILE A 122 11.35 -10.26 1.25
C ILE A 122 12.69 -9.53 1.24
N ALA A 123 12.88 -8.57 2.15
CA ALA A 123 14.17 -7.88 2.21
C ALA A 123 15.32 -8.86 2.36
N LYS A 124 15.14 -9.86 3.23
CA LYS A 124 16.21 -10.82 3.50
C LYS A 124 16.42 -11.79 2.34
N ALA A 125 15.37 -12.02 1.54
CA ALA A 125 15.43 -13.01 0.48
C ALA A 125 16.03 -12.47 -0.81
N LEU A 126 15.99 -11.17 -1.04
CA LEU A 126 16.40 -10.64 -2.33
C LEU A 126 17.91 -10.70 -2.52
#